data_4BPS
#
_entry.id   4BPS
#
_cell.length_a   49.139
_cell.length_b   52.250
_cell.length_c   52.532
_cell.angle_alpha   90.00
_cell.angle_beta   93.35
_cell.angle_gamma   90.00
#
_symmetry.space_group_name_H-M   'P 1 21 1'
#
loop_
_entity.id
_entity.type
_entity.pdbx_description
1 polymer FKBO
2 non-polymer '3-(2-CARBOXYETHYL)BENZOIC ACID'
3 water water
#
_entity_poly.entity_id   1
_entity_poly.type   'polypeptide(L)'
_entity_poly.pdbx_seq_one_letter_code
;(MSE)TDAGRQGRVEALSISVTAPYCRFEKTGSPDLEGDETVLGLIEHGTGHTDVSLVDGAPRTAVHTTTRDDEAFTEVW
HAQRPVESG(MSE)DNGIAWARTDAYLFGVVRTGESGRYADATAALYTNVFQLTRSLGYPLLARTWNYVSGINTTNADGL
EVYRDFCVGRAQALDEGGIDPAT(MSE)PAATGIGAHGGGITCVFLAARGGVRINIENPAVLTAHHYPTTYGPRPPVFAR
ATWLGPPEGGRLFISATAGILGHRTVHHGDVTGQCEVALDN(MSE)ARVIGAENLRRHGVQRGHVLADVDHLKVYVRRRE
DLDTVRRVCAARLSSTAAVALLHTDIAREDLLVEIEG(MSE)VA
;
_entity_poly.pdbx_strand_id   A
#
# COMPACT_ATOMS: atom_id res chain seq x y z
N SER A 14 -9.19 5.68 -28.74
CA SER A 14 -10.48 5.22 -29.26
C SER A 14 -11.47 5.03 -28.11
N ILE A 15 -11.33 3.93 -27.41
CA ILE A 15 -12.18 3.63 -26.27
C ILE A 15 -11.77 4.48 -25.05
N SER A 16 -12.75 5.13 -24.41
CA SER A 16 -12.49 5.99 -23.25
C SER A 16 -12.03 5.12 -22.06
N VAL A 17 -10.88 5.45 -21.49
CA VAL A 17 -10.36 4.71 -20.35
C VAL A 17 -9.77 5.67 -19.35
N THR A 18 -10.02 5.39 -18.07
CA THR A 18 -9.45 6.16 -16.96
C THR A 18 -8.71 5.21 -16.02
N ALA A 19 -7.48 5.59 -15.69
CA ALA A 19 -6.64 4.82 -14.78
C ALA A 19 -7.06 5.07 -13.33
N PRO A 20 -6.74 4.14 -12.41
CA PRO A 20 -7.25 4.28 -11.03
C PRO A 20 -6.77 5.52 -10.34
N TYR A 21 -7.60 6.04 -9.46
CA TYR A 21 -7.26 7.22 -8.69
C TYR A 21 -8.00 7.17 -7.36
N CYS A 22 -7.56 8.01 -6.44
CA CYS A 22 -7.99 7.95 -5.07
C CYS A 22 -8.75 9.21 -4.62
N ARG A 23 -9.66 9.02 -3.66
CA ARG A 23 -10.26 10.11 -2.90
C ARG A 23 -10.26 9.73 -1.43
N PHE A 24 -10.17 10.73 -0.56
CA PHE A 24 -10.37 10.52 0.87
C PHE A 24 -11.70 11.15 1.24
N GLU A 25 -12.54 10.39 1.93
CA GLU A 25 -13.87 10.83 2.27
C GLU A 25 -14.12 10.66 3.77
N LYS A 26 -15.07 11.42 4.28
CA LYS A 26 -15.49 11.26 5.66
C LYS A 26 -16.32 10.00 5.76
N THR A 27 -15.96 9.12 6.68
CA THR A 27 -16.71 7.87 6.84
C THR A 27 -18.10 8.23 7.38
N GLY A 28 -19.12 7.62 6.82
CA GLY A 28 -20.49 7.86 7.27
C GLY A 28 -21.16 9.04 6.60
N SER A 29 -20.42 9.75 5.74
CA SER A 29 -20.97 10.93 5.07
C SER A 29 -21.79 10.50 3.86
N PRO A 30 -22.88 11.23 3.56
CA PRO A 30 -23.74 10.86 2.44
C PRO A 30 -23.02 10.91 1.11
N ASP A 31 -23.42 10.04 0.18
CA ASP A 31 -22.99 10.14 -1.20
C ASP A 31 -23.82 11.23 -1.86
N LEU A 32 -23.25 12.42 -1.94
CA LEU A 32 -24.00 13.56 -2.42
C LEU A 32 -24.07 13.61 -3.94
N GLU A 33 -23.08 13.01 -4.61
CA GLU A 33 -22.87 13.19 -6.06
C GLU A 33 -23.13 11.94 -6.91
N GLY A 34 -23.28 10.77 -6.29
CA GLY A 34 -23.58 9.54 -7.03
C GLY A 34 -22.54 9.14 -8.06
N ASP A 35 -21.30 9.03 -7.64
CA ASP A 35 -20.19 8.89 -8.55
C ASP A 35 -20.02 7.43 -9.01
N GLU A 36 -20.36 7.16 -10.27
CA GLU A 36 -20.34 5.79 -10.80
C GLU A 36 -18.92 5.23 -10.89
N THR A 37 -17.90 6.06 -10.68
CA THR A 37 -16.53 5.60 -10.86
C THR A 37 -15.94 4.87 -9.66
N VAL A 38 -16.70 4.74 -8.57
CA VAL A 38 -16.19 4.08 -7.37
C VAL A 38 -15.91 2.61 -7.65
N LEU A 39 -14.70 2.18 -7.32
CA LEU A 39 -14.28 0.79 -7.44
C LEU A 39 -14.39 0.10 -6.11
N GLY A 40 -13.87 0.71 -5.05
CA GLY A 40 -13.83 0.03 -3.77
C GLY A 40 -13.42 0.98 -2.68
N LEU A 41 -13.56 0.53 -1.43
CA LEU A 41 -13.45 1.40 -0.27
C LEU A 41 -12.74 0.70 0.87
N ILE A 42 -11.81 1.40 1.50
CA ILE A 42 -11.10 0.91 2.69
C ILE A 42 -11.36 1.90 3.82
N GLU A 43 -12.01 1.42 4.86
CA GLU A 43 -12.33 2.26 6.03
C GLU A 43 -11.24 2.17 7.07
N HIS A 44 -10.45 3.24 7.22
CA HIS A 44 -9.42 3.32 8.25
C HIS A 44 -10.03 3.84 9.53
N GLY A 45 -9.80 3.15 10.64
CA GLY A 45 -10.44 3.56 11.87
C GLY A 45 -10.00 2.68 13.02
N THR A 46 -10.87 2.56 14.02
CA THR A 46 -10.55 1.92 15.27
C THR A 46 -11.16 0.51 15.41
N GLY A 47 -11.39 -0.16 14.29
CA GLY A 47 -11.87 -1.53 14.32
C GLY A 47 -11.75 -2.15 12.93
N HIS A 48 -12.28 -3.37 12.79
CA HIS A 48 -12.21 -4.04 11.50
C HIS A 48 -13.55 -4.73 11.23
N THR A 49 -13.71 -5.19 9.99
CA THR A 49 -14.90 -5.90 9.55
C THR A 49 -14.45 -7.03 8.61
N ASP A 50 -15.41 -7.82 8.14
CA ASP A 50 -15.15 -8.73 7.05
C ASP A 50 -15.02 -7.96 5.73
N VAL A 51 -14.71 -8.69 4.66
CA VAL A 51 -14.68 -8.13 3.32
C VAL A 51 -16.02 -8.46 2.66
N SER A 52 -16.62 -7.49 1.98
CA SER A 52 -17.90 -7.74 1.32
C SER A 52 -18.02 -6.81 0.12
N LEU A 53 -19.06 -7.03 -0.67
CA LEU A 53 -19.46 -6.09 -1.72
C LEU A 53 -20.62 -5.24 -1.22
N VAL A 54 -20.50 -3.93 -1.40
CA VAL A 54 -21.60 -3.02 -1.15
C VAL A 54 -21.97 -2.38 -2.47
N ASP A 55 -23.13 -2.76 -3.01
CA ASP A 55 -23.55 -2.39 -4.35
C ASP A 55 -22.42 -2.45 -5.36
N GLY A 56 -21.77 -3.62 -5.43
CA GLY A 56 -20.73 -3.85 -6.38
C GLY A 56 -19.34 -3.37 -5.98
N ALA A 57 -19.23 -2.69 -4.84
CA ALA A 57 -17.93 -2.11 -4.47
C ALA A 57 -17.33 -2.91 -3.32
N PRO A 58 -16.16 -3.53 -3.52
CA PRO A 58 -15.50 -4.19 -2.39
C PRO A 58 -15.26 -3.19 -1.26
N ARG A 59 -15.46 -3.66 -0.02
CA ARG A 59 -15.26 -2.82 1.13
C ARG A 59 -14.75 -3.62 2.31
N THR A 60 -13.88 -3.02 3.11
CA THR A 60 -13.58 -3.56 4.42
C THR A 60 -13.08 -2.43 5.30
N ALA A 61 -13.04 -2.66 6.60
CA ALA A 61 -12.47 -1.73 7.55
C ALA A 61 -11.21 -2.32 8.15
N VAL A 62 -10.17 -1.50 8.27
CA VAL A 62 -8.93 -1.93 8.90
C VAL A 62 -8.63 -1.05 10.11
N HIS A 63 -8.01 -1.67 11.10
CA HIS A 63 -7.80 -1.02 12.39
C HIS A 63 -6.43 -0.33 12.39
N THR A 64 -6.36 0.77 11.65
CA THR A 64 -5.10 1.44 11.40
C THR A 64 -4.89 2.72 12.21
N THR A 65 -5.81 3.03 13.13
CA THR A 65 -5.55 4.13 14.06
C THR A 65 -6.29 3.91 15.37
N THR A 66 -6.05 4.79 16.34
CA THR A 66 -6.50 4.58 17.71
C THR A 66 -7.47 5.63 18.21
N ARG A 67 -7.84 6.60 17.36
CA ARG A 67 -8.86 7.60 17.71
C ARG A 67 -9.89 7.66 16.60
N ASP A 68 -11.18 7.70 16.97
CA ASP A 68 -12.25 7.77 15.97
CA ASP A 68 -12.24 7.79 15.97
C ASP A 68 -12.14 9.05 15.13
N ASP A 69 -11.62 10.13 15.71
CA ASP A 69 -11.56 11.40 14.95
C ASP A 69 -10.46 11.36 13.87
N GLU A 70 -9.71 10.27 13.77
CA GLU A 70 -8.76 10.04 12.68
C GLU A 70 -9.29 9.08 11.64
N ALA A 71 -10.49 8.56 11.84
CA ALA A 71 -11.05 7.61 10.89
C ALA A 71 -11.40 8.32 9.60
N PHE A 72 -11.25 7.64 8.47
CA PHE A 72 -11.67 8.19 7.18
C PHE A 72 -11.78 7.04 6.21
N THR A 73 -12.39 7.28 5.05
CA THR A 73 -12.51 6.26 4.01
C THR A 73 -11.61 6.59 2.83
N GLU A 74 -10.80 5.60 2.47
CA GLU A 74 -9.96 5.66 1.29
C GLU A 74 -10.74 5.02 0.15
N VAL A 75 -11.10 5.81 -0.87
CA VAL A 75 -11.96 5.34 -1.95
C VAL A 75 -11.16 5.30 -3.25
N TRP A 76 -11.14 4.13 -3.89
CA TRP A 76 -10.51 3.96 -5.19
C TRP A 76 -11.57 4.07 -6.28
N HIS A 77 -11.17 4.74 -7.35
CA HIS A 77 -12.02 5.05 -8.50
C HIS A 77 -11.32 4.67 -9.79
N ALA A 78 -12.09 4.49 -10.85
CA ALA A 78 -11.49 4.51 -12.19
C ALA A 78 -12.55 5.00 -13.17
N GLN A 79 -13.44 4.11 -13.58
CA GLN A 79 -14.64 4.48 -14.29
C GLN A 79 -15.69 3.46 -13.90
N ARG A 80 -16.90 3.56 -14.44
CA ARG A 80 -17.97 2.67 -14.05
C ARG A 80 -17.54 1.21 -14.09
N PRO A 81 -17.59 0.50 -12.96
CA PRO A 81 -17.19 -0.91 -13.03
C PRO A 81 -18.17 -1.70 -13.87
N VAL A 82 -17.63 -2.67 -14.59
CA VAL A 82 -18.42 -3.49 -15.47
C VAL A 82 -18.86 -4.81 -14.85
N GLU A 83 -18.15 -5.26 -13.80
CA GLU A 83 -18.48 -6.50 -13.13
C GLU A 83 -17.83 -6.48 -11.76
N SER A 84 -18.47 -7.11 -10.78
CA SER A 84 -17.90 -7.32 -9.45
CA SER A 84 -17.88 -7.32 -9.46
C SER A 84 -18.19 -8.74 -9.01
N GLY A 85 -17.46 -9.23 -8.03
CA GLY A 85 -17.69 -10.56 -7.51
C GLY A 85 -16.87 -10.84 -6.27
N ASP A 87 -14.41 -14.15 -4.87
CA ASP A 87 -13.81 -15.45 -5.15
C ASP A 87 -12.72 -15.69 -4.13
N ASN A 88 -12.75 -16.84 -3.45
CA ASN A 88 -11.70 -17.21 -2.52
C ASN A 88 -11.44 -16.14 -1.45
N GLY A 89 -12.51 -15.48 -1.00
CA GLY A 89 -12.41 -14.45 0.02
C GLY A 89 -12.10 -13.07 -0.53
N ILE A 90 -11.79 -12.97 -1.82
CA ILE A 90 -11.43 -11.69 -2.42
C ILE A 90 -12.68 -11.05 -2.99
N ALA A 91 -13.03 -9.87 -2.49
CA ALA A 91 -14.07 -9.07 -3.13
C ALA A 91 -13.41 -8.18 -4.15
N TRP A 92 -13.94 -8.15 -5.37
CA TRP A 92 -13.32 -7.42 -6.46
C TRP A 92 -14.34 -6.69 -7.32
N ALA A 93 -13.85 -5.64 -7.96
CA ALA A 93 -14.60 -4.92 -8.98
C ALA A 93 -13.63 -4.62 -10.11
N ARG A 94 -14.11 -4.70 -11.36
CA ARG A 94 -13.24 -4.43 -12.50
C ARG A 94 -13.93 -3.48 -13.46
N THR A 95 -13.11 -2.64 -14.10
CA THR A 95 -13.48 -2.01 -15.35
C THR A 95 -12.88 -2.88 -16.45
N ASP A 96 -13.07 -2.56 -17.74
CA ASP A 96 -12.41 -3.37 -18.74
C ASP A 96 -10.89 -3.31 -18.63
N ALA A 97 -10.34 -2.22 -18.10
CA ALA A 97 -8.89 -2.04 -18.05
C ALA A 97 -8.22 -2.30 -16.69
N TYR A 98 -8.96 -2.18 -15.58
CA TYR A 98 -8.35 -2.26 -14.25
C TYR A 98 -9.21 -3.07 -13.28
N LEU A 99 -8.57 -3.58 -12.24
CA LEU A 99 -9.20 -4.43 -11.22
C LEU A 99 -8.78 -3.93 -9.83
N PHE A 100 -9.73 -3.89 -8.90
CA PHE A 100 -9.49 -3.61 -7.49
C PHE A 100 -9.96 -4.80 -6.68
N GLY A 101 -9.16 -5.26 -5.72
CA GLY A 101 -9.55 -6.37 -4.87
C GLY A 101 -9.12 -6.17 -3.42
N VAL A 102 -9.85 -6.83 -2.53
CA VAL A 102 -9.59 -6.79 -1.11
CA VAL A 102 -9.52 -6.80 -1.11
C VAL A 102 -9.84 -8.17 -0.52
N VAL A 103 -8.96 -8.61 0.37
CA VAL A 103 -9.08 -9.94 0.97
C VAL A 103 -8.38 -9.91 2.32
N ARG A 104 -8.82 -10.71 3.27
CA ARG A 104 -8.16 -10.75 4.56
C ARG A 104 -8.16 -12.14 5.17
N THR A 105 -7.28 -12.33 6.15
CA THR A 105 -7.19 -13.56 6.91
C THR A 105 -7.20 -13.21 8.39
N GLY A 106 -7.84 -14.05 9.19
CA GLY A 106 -8.13 -13.69 10.57
C GLY A 106 -6.93 -13.60 11.52
N GLU A 107 -7.12 -12.84 12.59
CA GLU A 107 -6.20 -12.81 13.70
C GLU A 107 -5.82 -14.23 14.11
N SER A 108 -4.53 -14.49 14.29
CA SER A 108 -4.07 -15.85 14.49
C SER A 108 -2.73 -15.86 15.19
N GLY A 109 -2.35 -17.05 15.68
CA GLY A 109 -1.02 -17.24 16.24
C GLY A 109 0.07 -17.42 15.18
N ARG A 110 -0.32 -17.62 13.93
CA ARG A 110 0.61 -17.96 12.84
C ARG A 110 0.06 -17.38 11.54
N TYR A 111 0.90 -16.84 10.67
CA TYR A 111 0.41 -16.19 9.46
C TYR A 111 1.06 -16.63 8.17
N ALA A 112 2.22 -17.30 8.16
CA ALA A 112 2.88 -17.55 6.88
C ALA A 112 2.02 -18.38 5.93
N ASP A 113 1.49 -19.51 6.41
CA ASP A 113 0.73 -20.38 5.52
C ASP A 113 -0.52 -19.65 5.00
N ALA A 114 -1.21 -18.93 5.87
CA ALA A 114 -2.40 -18.21 5.46
C ALA A 114 -2.09 -17.07 4.48
N THR A 115 -0.94 -16.44 4.69
CA THR A 115 -0.52 -15.35 3.81
C THR A 115 -0.14 -15.90 2.43
N ALA A 116 0.56 -17.04 2.40
CA ALA A 116 0.91 -17.67 1.14
C ALA A 116 -0.37 -18.03 0.37
N ALA A 117 -1.37 -18.54 1.09
CA ALA A 117 -2.63 -18.91 0.45
C ALA A 117 -3.38 -17.67 -0.08
N LEU A 118 -3.39 -16.61 0.70
CA LEU A 118 -4.04 -15.37 0.31
C LEU A 118 -3.38 -14.81 -0.94
N TYR A 119 -2.05 -14.72 -0.95
CA TYR A 119 -1.37 -14.20 -2.14
C TYR A 119 -1.52 -15.14 -3.33
N THR A 120 -1.51 -16.46 -3.09
CA THR A 120 -1.79 -17.40 -4.19
C THR A 120 -3.13 -17.06 -4.82
N ASN A 121 -4.11 -16.81 -3.98
CA ASN A 121 -5.46 -16.52 -4.47
C ASN A 121 -5.49 -15.19 -5.24
N VAL A 122 -4.74 -14.19 -4.77
CA VAL A 122 -4.63 -12.93 -5.51
C VAL A 122 -3.99 -13.15 -6.89
N PHE A 123 -2.85 -13.83 -6.94
CA PHE A 123 -2.20 -14.07 -8.22
C PHE A 123 -3.11 -14.87 -9.13
N GLN A 124 -3.79 -15.89 -8.60
CA GLN A 124 -4.68 -16.69 -9.42
C GLN A 124 -5.86 -15.89 -9.95
N LEU A 125 -6.44 -15.00 -9.13
CA LEU A 125 -7.56 -14.19 -9.58
C LEU A 125 -7.12 -13.22 -10.69
N THR A 126 -5.97 -12.59 -10.51
CA THR A 126 -5.49 -11.68 -11.53
C THR A 126 -5.27 -12.42 -12.83
N ARG A 127 -4.75 -13.65 -12.77
CA ARG A 127 -4.59 -14.44 -13.98
C ARG A 127 -5.94 -14.83 -14.60
N SER A 128 -6.84 -15.37 -13.77
CA SER A 128 -8.11 -15.88 -14.27
CA SER A 128 -8.11 -15.87 -14.27
C SER A 128 -8.99 -14.78 -14.87
N LEU A 129 -9.01 -13.60 -14.24
CA LEU A 129 -9.84 -12.52 -14.74
C LEU A 129 -9.19 -11.77 -15.89
N GLY A 130 -7.87 -11.92 -16.08
CA GLY A 130 -7.18 -11.23 -17.17
C GLY A 130 -6.64 -9.87 -16.79
N TYR A 131 -6.15 -9.71 -15.55
CA TYR A 131 -5.54 -8.48 -15.09
C TYR A 131 -4.18 -8.80 -14.47
N PRO A 132 -3.23 -9.29 -15.29
CA PRO A 132 -2.02 -9.88 -14.72
C PRO A 132 -1.02 -8.87 -14.17
N LEU A 133 -1.11 -7.59 -14.49
CA LEU A 133 -0.10 -6.62 -14.08
C LEU A 133 -0.50 -6.00 -12.77
N LEU A 134 0.07 -6.46 -11.66
CA LEU A 134 -0.22 -5.80 -10.40
C LEU A 134 0.38 -4.39 -10.39
N ALA A 135 -0.40 -3.44 -9.87
CA ALA A 135 -0.05 -2.03 -9.88
C ALA A 135 0.26 -1.44 -8.51
N ARG A 136 -0.33 -2.02 -7.47
CA ARG A 136 -0.18 -1.47 -6.13
C ARG A 136 -0.71 -2.51 -5.16
N THR A 137 -0.02 -2.77 -4.06
CA THR A 137 -0.54 -3.63 -3.02
C THR A 137 -0.43 -2.92 -1.67
N TRP A 138 -1.31 -3.30 -0.75
CA TRP A 138 -1.22 -2.84 0.63
C TRP A 138 -1.44 -4.04 1.54
N ASN A 139 -0.69 -4.07 2.64
CA ASN A 139 -0.79 -5.11 3.66
C ASN A 139 -0.92 -4.43 5.01
N TYR A 140 -2.08 -4.63 5.63
CA TYR A 140 -2.39 -4.08 6.97
C TYR A 140 -2.29 -5.26 7.93
N VAL A 141 -1.22 -5.29 8.72
CA VAL A 141 -0.77 -6.48 9.44
C VAL A 141 -0.97 -6.27 10.93
N SER A 142 -1.99 -6.92 11.50
CA SER A 142 -2.24 -6.81 12.93
C SER A 142 -1.04 -7.29 13.76
N GLY A 143 -0.56 -6.43 14.66
CA GLY A 143 0.53 -6.83 15.54
C GLY A 143 1.82 -7.04 14.77
N ILE A 144 2.14 -6.16 13.84
CA ILE A 144 3.27 -6.37 12.94
C ILE A 144 4.60 -6.58 13.67
N ASN A 145 4.80 -5.99 14.86
CA ASN A 145 6.03 -6.17 15.61
C ASN A 145 5.88 -7.13 16.78
N THR A 146 4.71 -7.71 16.95
CA THR A 146 4.52 -8.71 17.99
C THR A 146 5.20 -10.02 17.58
N THR A 147 5.39 -10.90 18.56
CA THR A 147 5.95 -12.22 18.31
C THR A 147 4.83 -13.23 18.15
N ASN A 148 4.86 -14.02 17.07
CA ASN A 148 3.79 -14.99 16.84
C ASN A 148 3.95 -16.23 17.75
N ALA A 149 3.01 -17.18 17.63
CA ALA A 149 3.01 -18.35 18.52
C ALA A 149 4.21 -19.24 18.30
N ASP A 150 4.83 -19.13 17.13
CA ASP A 150 6.00 -19.92 16.80
CA ASP A 150 6.01 -19.91 16.78
C ASP A 150 7.31 -19.23 17.21
N GLY A 151 7.21 -18.06 17.85
CA GLY A 151 8.40 -17.34 18.29
C GLY A 151 9.03 -16.38 17.30
N LEU A 152 8.34 -16.06 16.20
CA LEU A 152 8.86 -15.21 15.14
C LEU A 152 8.06 -13.92 15.03
N GLU A 153 8.74 -12.80 14.81
CA GLU A 153 8.05 -11.53 14.59
C GLU A 153 7.01 -11.67 13.48
N VAL A 154 5.82 -11.12 13.71
CA VAL A 154 4.74 -11.21 12.74
C VAL A 154 5.17 -10.68 11.36
N TYR A 155 5.87 -9.55 11.30
CA TYR A 155 6.24 -9.04 9.96
C TYR A 155 7.07 -10.07 9.20
N ARG A 156 7.97 -10.75 9.90
CA ARG A 156 8.84 -11.73 9.27
C ARG A 156 8.03 -12.95 8.81
N ASP A 157 7.07 -13.38 9.63
CA ASP A 157 6.16 -14.47 9.31
C ASP A 157 5.34 -14.12 8.05
N PHE A 158 4.81 -12.90 8.01
CA PHE A 158 4.13 -12.39 6.83
C PHE A 158 5.06 -12.42 5.60
N CYS A 159 6.31 -11.95 5.76
CA CYS A 159 7.22 -11.95 4.62
C CYS A 159 7.48 -13.36 4.11
N VAL A 160 7.62 -14.35 5.01
CA VAL A 160 7.79 -15.73 4.58
C VAL A 160 6.61 -16.14 3.69
N GLY A 161 5.39 -15.88 4.14
CA GLY A 161 4.23 -16.26 3.36
C GLY A 161 4.13 -15.59 2.01
N ARG A 162 4.37 -14.28 1.97
CA ARG A 162 4.35 -13.59 0.70
C ARG A 162 5.39 -14.17 -0.26
N ALA A 163 6.61 -14.38 0.24
CA ALA A 163 7.68 -14.91 -0.60
C ALA A 163 7.31 -16.30 -1.11
N GLN A 164 6.73 -17.13 -0.25
CA GLN A 164 6.32 -18.47 -0.66
C GLN A 164 5.30 -18.43 -1.78
N ALA A 165 4.34 -17.49 -1.70
CA ALA A 165 3.34 -17.37 -2.75
C ALA A 165 3.98 -16.99 -4.09
N LEU A 166 5.01 -16.14 -4.09
CA LEU A 166 5.63 -15.83 -5.37
C LEU A 166 6.21 -17.10 -5.98
N ASP A 167 6.87 -17.92 -5.17
CA ASP A 167 7.39 -19.18 -5.71
C ASP A 167 6.29 -20.11 -6.20
N GLU A 168 5.19 -20.19 -5.45
CA GLU A 168 4.06 -21.02 -5.83
C GLU A 168 3.41 -20.59 -7.14
N GLY A 169 3.58 -19.31 -7.49
CA GLY A 169 2.97 -18.77 -8.69
C GLY A 169 3.95 -18.58 -9.82
N GLY A 170 5.23 -18.88 -9.60
CA GLY A 170 6.26 -18.61 -10.61
C GLY A 170 6.38 -17.12 -10.90
N ILE A 171 6.22 -16.30 -9.85
CA ILE A 171 6.21 -14.86 -10.01
C ILE A 171 7.62 -14.28 -9.85
N ASP A 172 8.04 -13.47 -10.81
CA ASP A 172 9.31 -12.77 -10.75
C ASP A 172 9.22 -11.65 -9.70
N PRO A 173 10.07 -11.65 -8.65
CA PRO A 173 9.97 -10.60 -7.63
C PRO A 173 10.06 -9.18 -8.19
N ALA A 174 10.77 -9.00 -9.31
CA ALA A 174 10.89 -7.66 -9.90
C ALA A 174 9.55 -7.14 -10.43
N THR A 175 8.56 -8.01 -10.60
CA THR A 175 7.23 -7.58 -11.07
C THR A 175 6.33 -7.10 -9.96
N PRO A 177 4.76 -4.60 -7.50
CA PRO A 177 4.70 -3.14 -7.63
C PRO A 177 4.88 -2.44 -6.28
N ALA A 178 4.55 -1.16 -6.25
CA ALA A 178 4.54 -0.38 -5.04
C ALA A 178 3.73 -1.10 -3.96
N ALA A 179 4.17 -0.95 -2.72
CA ALA A 179 3.55 -1.66 -1.60
C ALA A 179 3.58 -0.85 -0.32
N THR A 180 2.75 -1.30 0.61
CA THR A 180 2.77 -0.90 2.02
C THR A 180 2.72 -2.14 2.88
N GLY A 181 3.53 -2.18 3.93
CA GLY A 181 3.51 -3.24 4.93
C GLY A 181 3.48 -2.56 6.28
N ILE A 182 2.30 -2.43 6.87
CA ILE A 182 2.11 -1.52 7.99
C ILE A 182 1.26 -2.21 9.05
N GLY A 183 1.37 -1.75 10.31
CA GLY A 183 0.63 -2.39 11.39
C GLY A 183 -0.84 -2.08 11.41
N ALA A 184 -1.56 -2.95 12.09
CA ALA A 184 -2.92 -2.69 12.52
C ALA A 184 -3.05 -3.12 13.99
N HIS A 185 -4.09 -2.61 14.65
CA HIS A 185 -4.28 -2.86 16.07
C HIS A 185 -5.20 -4.05 16.37
N GLY A 186 -5.63 -4.74 15.31
CA GLY A 186 -6.43 -5.94 15.42
C GLY A 186 -6.77 -6.37 14.00
N GLY A 187 -7.36 -7.55 13.86
CA GLY A 187 -7.92 -7.97 12.60
C GLY A 187 -7.02 -8.71 11.63
N GLY A 188 -6.05 -9.47 12.11
CA GLY A 188 -5.27 -10.31 11.19
C GLY A 188 -4.59 -9.50 10.10
N ILE A 189 -4.55 -10.07 8.90
CA ILE A 189 -3.82 -9.46 7.79
C ILE A 189 -4.81 -9.18 6.66
N THR A 190 -4.84 -7.92 6.21
CA THR A 190 -5.69 -7.48 5.11
C THR A 190 -4.79 -7.05 3.96
N CYS A 191 -5.14 -7.53 2.76
CA CYS A 191 -4.45 -7.19 1.53
C CYS A 191 -5.40 -6.49 0.56
N VAL A 192 -4.95 -5.33 0.05
CA VAL A 192 -5.68 -4.57 -0.94
C VAL A 192 -4.80 -4.51 -2.17
N PHE A 193 -5.38 -4.57 -3.37
CA PHE A 193 -4.55 -4.48 -4.56
C PHE A 193 -5.28 -3.86 -5.74
N LEU A 194 -4.48 -3.24 -6.60
CA LEU A 194 -4.91 -2.78 -7.92
C LEU A 194 -4.13 -3.57 -8.96
N ALA A 195 -4.78 -3.88 -10.09
CA ALA A 195 -4.14 -4.60 -11.18
C ALA A 195 -4.69 -4.08 -12.51
N ALA A 196 -3.92 -4.34 -13.57
CA ALA A 196 -4.24 -3.89 -14.91
C ALA A 196 -4.34 -5.05 -15.88
N ARG A 197 -5.27 -4.89 -16.83
CA ARG A 197 -5.45 -5.83 -17.95
C ARG A 197 -4.15 -5.95 -18.76
N GLY A 198 -3.49 -4.84 -18.98
CA GLY A 198 -2.29 -4.82 -19.79
C GLY A 198 -1.71 -3.44 -19.77
N GLY A 199 -1.04 -3.08 -20.85
CA GLY A 199 -0.48 -1.75 -20.94
C GLY A 199 0.78 -1.54 -20.12
N VAL A 200 1.00 -0.30 -19.74
CA VAL A 200 2.25 0.12 -19.15
C VAL A 200 2.20 -0.02 -17.63
N ARG A 201 3.15 -0.75 -17.06
CA ARG A 201 3.28 -0.89 -15.62
C ARG A 201 4.78 -0.96 -15.39
N ILE A 202 5.34 0.15 -14.89
CA ILE A 202 6.80 0.28 -14.73
C ILE A 202 7.11 0.36 -13.25
N ASN A 203 7.83 -0.63 -12.74
CA ASN A 203 8.25 -0.61 -11.34
C ASN A 203 9.53 0.17 -11.22
N ILE A 204 9.60 0.99 -10.18
CA ILE A 204 10.65 1.98 -10.01
C ILE A 204 11.37 1.76 -8.70
N GLU A 205 12.71 1.78 -8.77
CA GLU A 205 13.55 1.70 -7.58
C GLU A 205 14.07 3.08 -7.19
N ASN A 206 14.67 3.16 -6.00
CA ASN A 206 15.23 4.41 -5.43
C ASN A 206 16.73 4.26 -5.42
N PRO A 207 17.50 5.15 -6.07
CA PRO A 207 18.96 4.93 -6.18
C PRO A 207 19.83 4.86 -4.93
N ALA A 208 19.31 5.29 -3.81
CA ALA A 208 20.05 5.22 -2.53
C ALA A 208 19.39 4.26 -1.53
N VAL A 209 18.50 3.40 -2.03
CA VAL A 209 17.81 2.44 -1.17
C VAL A 209 17.93 1.08 -1.81
N LEU A 210 18.32 0.09 -1.01
CA LEU A 210 18.49 -1.25 -1.52
C LEU A 210 17.14 -1.85 -1.92
N THR A 211 17.10 -2.53 -3.06
CA THR A 211 15.91 -3.26 -3.49
C THR A 211 15.47 -4.23 -2.40
N ALA A 212 14.18 -4.20 -2.06
CA ALA A 212 13.66 -4.91 -0.88
C ALA A 212 14.04 -6.38 -0.90
N HIS A 213 13.84 -7.06 -2.04
CA HIS A 213 14.11 -8.50 -2.03
C HIS A 213 15.59 -8.85 -2.05
N HIS A 214 16.44 -7.80 -2.07
CA HIS A 214 17.90 -7.95 -1.88
C HIS A 214 18.34 -7.64 -0.45
N TYR A 215 17.41 -7.36 0.45
CA TYR A 215 17.79 -7.12 1.82
C TYR A 215 18.59 -8.31 2.39
N PRO A 216 19.54 -8.02 3.28
CA PRO A 216 20.33 -9.10 3.88
C PRO A 216 19.51 -9.90 4.89
N THR A 217 20.07 -11.01 5.33
CA THR A 217 19.26 -11.95 6.09
C THR A 217 18.97 -11.49 7.51
N THR A 218 19.60 -10.42 7.96
CA THR A 218 19.21 -9.80 9.21
C THR A 218 17.69 -9.58 9.29
N TYR A 219 17.09 -9.26 8.15
CA TYR A 219 15.66 -8.92 8.07
C TYR A 219 14.78 -10.12 7.73
N GLY A 220 15.36 -11.32 7.76
CA GLY A 220 14.74 -12.54 7.25
C GLY A 220 13.93 -13.31 8.27
N PRO A 221 13.68 -14.59 8.00
CA PRO A 221 14.40 -15.46 7.07
C PRO A 221 14.06 -15.28 5.59
N ARG A 222 12.99 -14.57 5.24
CA ARG A 222 12.73 -14.26 3.85
CA ARG A 222 12.74 -14.26 3.83
C ARG A 222 12.60 -12.76 3.71
N PRO A 223 13.24 -12.17 2.68
CA PRO A 223 13.18 -10.71 2.56
C PRO A 223 11.81 -10.23 2.13
N PRO A 224 11.52 -8.96 2.41
CA PRO A 224 10.37 -8.32 1.77
C PRO A 224 10.55 -8.26 0.27
N VAL A 225 9.46 -8.00 -0.45
CA VAL A 225 9.54 -7.82 -1.90
C VAL A 225 8.51 -6.78 -2.28
N PHE A 226 8.97 -5.76 -3.01
CA PHE A 226 8.12 -4.65 -3.48
C PHE A 226 8.99 -3.63 -4.21
N ALA A 227 8.37 -2.88 -5.10
CA ALA A 227 9.02 -1.77 -5.78
C ALA A 227 8.88 -0.51 -4.93
N ARG A 228 9.69 0.51 -5.19
CA ARG A 228 9.61 1.76 -4.41
C ARG A 228 8.53 2.72 -4.96
N ALA A 229 8.13 2.54 -6.22
CA ALA A 229 6.98 3.26 -6.82
C ALA A 229 6.61 2.47 -8.08
N THR A 230 5.42 2.74 -8.64
CA THR A 230 5.01 2.14 -9.89
C THR A 230 4.33 3.19 -10.73
N TRP A 231 4.74 3.30 -11.99
CA TRP A 231 4.03 4.10 -12.99
C TRP A 231 3.04 3.19 -13.70
N LEU A 232 1.78 3.61 -13.75
CA LEU A 232 0.73 2.80 -14.37
C LEU A 232 -0.01 3.61 -15.42
N GLY A 233 -0.09 3.09 -16.65
CA GLY A 233 -0.95 3.70 -17.64
C GLY A 233 -0.21 4.50 -18.68
N PRO A 234 -0.97 5.13 -19.59
CA PRO A 234 -0.37 5.87 -20.69
C PRO A 234 0.34 7.13 -20.19
N PRO A 235 1.26 7.66 -20.99
CA PRO A 235 1.99 8.85 -20.56
C PRO A 235 1.07 10.00 -20.12
N GLU A 236 -0.02 10.20 -20.85
CA GLU A 236 -1.06 11.15 -20.46
C GLU A 236 -2.23 10.34 -19.89
N GLY A 237 -2.48 10.50 -18.60
CA GLY A 237 -3.54 9.76 -17.96
C GLY A 237 -3.00 8.78 -16.92
N GLY A 238 -1.72 8.43 -17.04
CA GLY A 238 -1.14 7.48 -16.11
C GLY A 238 -0.87 8.07 -14.74
N ARG A 239 -0.56 7.18 -13.82
CA ARG A 239 -0.45 7.51 -12.40
C ARG A 239 0.88 7.04 -11.87
N LEU A 240 1.38 7.75 -10.86
CA LEU A 240 2.59 7.31 -10.16
C LEU A 240 2.22 6.97 -8.72
N PHE A 241 2.23 5.68 -8.39
CA PHE A 241 1.92 5.23 -7.03
C PHE A 241 3.22 5.07 -6.26
N ILE A 242 3.34 5.74 -5.11
CA ILE A 242 4.56 5.69 -4.32
C ILE A 242 4.32 4.77 -3.12
N SER A 243 5.24 3.83 -2.90
CA SER A 243 5.17 2.92 -1.76
C SER A 243 5.16 3.68 -0.45
N ALA A 244 4.73 3.00 0.61
CA ALA A 244 5.06 3.49 1.94
C ALA A 244 6.57 3.62 2.02
N THR A 245 7.03 4.79 2.44
CA THR A 245 8.44 5.18 2.38
C THR A 245 8.94 5.57 3.78
N ALA A 246 10.05 4.96 4.18
CA ALA A 246 10.60 5.09 5.52
C ALA A 246 11.91 5.85 5.52
N GLY A 247 12.37 6.16 6.73
CA GLY A 247 13.69 6.76 6.97
C GLY A 247 14.79 5.72 6.96
N ILE A 248 15.10 5.26 5.75
CA ILE A 248 16.12 4.25 5.49
CA ILE A 248 16.14 4.28 5.52
C ILE A 248 17.10 4.80 4.44
N LEU A 249 18.37 4.41 4.57
CA LEU A 249 19.41 4.66 3.57
CA LEU A 249 19.37 4.68 3.54
C LEU A 249 20.09 3.33 3.33
N GLY A 250 20.20 2.90 2.08
CA GLY A 250 20.64 1.53 1.80
C GLY A 250 19.51 0.62 2.25
N HIS A 251 19.79 -0.32 3.17
CA HIS A 251 18.73 -1.06 3.84
C HIS A 251 18.54 -0.59 5.28
N ARG A 252 19.38 0.32 5.74
CA ARG A 252 19.48 0.62 7.16
C ARG A 252 18.49 1.66 7.64
N THR A 253 17.88 1.40 8.79
CA THR A 253 17.17 2.44 9.51
C THR A 253 18.16 3.54 9.86
N VAL A 254 17.81 4.79 9.60
CA VAL A 254 18.62 5.93 10.02
C VAL A 254 17.83 6.77 11.05
N HIS A 255 18.53 7.70 11.70
CA HIS A 255 17.87 8.59 12.67
C HIS A 255 17.13 7.79 13.75
N HIS A 256 17.85 6.85 14.38
CA HIS A 256 17.27 6.07 15.45
C HIS A 256 16.67 6.98 16.52
N GLY A 257 15.45 6.68 16.93
CA GLY A 257 14.82 7.41 18.02
C GLY A 257 14.44 8.85 17.69
N ASP A 258 14.56 9.26 16.42
CA ASP A 258 14.44 10.66 16.03
C ASP A 258 13.36 10.74 14.94
N VAL A 259 12.11 10.94 15.33
CA VAL A 259 11.03 10.85 14.37
C VAL A 259 11.11 11.99 13.35
N THR A 260 11.59 13.15 13.78
CA THR A 260 11.72 14.27 12.85
C THR A 260 12.73 13.91 11.75
N GLY A 261 13.91 13.42 12.13
CA GLY A 261 14.90 13.02 11.16
C GLY A 261 14.43 11.90 10.25
N GLN A 262 13.76 10.89 10.81
CA GLN A 262 13.21 9.82 9.98
C GLN A 262 12.18 10.37 9.00
N CYS A 263 11.34 11.30 9.45
CA CYS A 263 10.30 11.83 8.56
C CYS A 263 10.97 12.64 7.43
N GLU A 264 12.00 13.42 7.76
CA GLU A 264 12.70 14.19 6.74
C GLU A 264 13.35 13.25 5.70
N VAL A 265 13.98 12.16 6.14
CA VAL A 265 14.59 11.23 5.21
C VAL A 265 13.52 10.48 4.40
N ALA A 266 12.40 10.12 5.02
CA ALA A 266 11.31 9.48 4.28
C ALA A 266 10.85 10.39 3.16
N LEU A 267 10.64 11.68 3.45
CA LEU A 267 10.22 12.63 2.44
C LEU A 267 11.32 12.81 1.39
N ASP A 268 12.59 12.86 1.82
CA ASP A 268 13.69 12.90 0.85
C ASP A 268 13.66 11.70 -0.07
N ASN A 269 13.41 10.51 0.48
CA ASN A 269 13.36 9.31 -0.34
C ASN A 269 12.19 9.38 -1.34
N ALA A 271 10.92 12.13 -2.58
CA ALA A 271 11.31 13.11 -3.60
C ALA A 271 12.29 12.51 -4.58
N ARG A 272 13.20 11.66 -4.09
CA ARG A 272 14.20 11.07 -4.99
C ARG A 272 13.53 10.10 -5.97
N VAL A 273 12.60 9.30 -5.49
CA VAL A 273 11.96 8.28 -6.30
CA VAL A 273 12.05 8.27 -6.34
C VAL A 273 11.22 8.91 -7.47
N ILE A 274 10.55 10.03 -7.19
CA ILE A 274 9.69 10.68 -8.20
C ILE A 274 10.40 11.78 -9.00
N GLY A 275 11.68 12.00 -8.74
CA GLY A 275 12.42 13.07 -9.38
C GLY A 275 12.69 12.80 -10.84
N ALA A 276 12.87 13.88 -11.59
CA ALA A 276 13.04 13.84 -13.04
C ALA A 276 14.07 12.80 -13.49
N GLU A 277 15.25 12.81 -12.90
CA GLU A 277 16.29 11.96 -13.42
C GLU A 277 16.04 10.50 -13.06
N ASN A 278 15.48 10.21 -11.89
CA ASN A 278 15.18 8.83 -11.56
C ASN A 278 14.08 8.30 -12.49
N LEU A 279 13.07 9.12 -12.73
CA LEU A 279 11.98 8.67 -13.61
C LEU A 279 12.52 8.47 -15.03
N ARG A 280 13.37 9.38 -15.52
CA ARG A 280 13.96 9.23 -16.84
C ARG A 280 14.70 7.92 -16.95
N ARG A 281 15.48 7.58 -15.92
CA ARG A 281 16.28 6.37 -15.91
C ARG A 281 15.39 5.12 -15.93
N HIS A 282 14.13 5.25 -15.55
CA HIS A 282 13.16 4.14 -15.61
C HIS A 282 12.23 4.23 -16.82
N GLY A 283 12.48 5.18 -17.73
CA GLY A 283 11.70 5.27 -18.94
C GLY A 283 10.42 6.09 -18.83
N VAL A 284 10.28 6.86 -17.75
CA VAL A 284 9.12 7.69 -17.50
C VAL A 284 9.52 9.14 -17.77
N GLN A 285 8.72 9.86 -18.56
CA GLN A 285 9.26 11.05 -19.23
C GLN A 285 9.22 12.36 -18.48
N ARG A 286 8.44 12.44 -17.42
CA ARG A 286 8.28 13.70 -16.71
C ARG A 286 8.52 13.47 -15.23
N GLY A 287 9.15 14.45 -14.59
CA GLY A 287 9.53 14.37 -13.19
C GLY A 287 8.55 15.11 -12.31
N HIS A 288 8.68 14.89 -11.01
CA HIS A 288 7.78 15.48 -10.02
C HIS A 288 8.58 15.96 -8.82
N VAL A 289 7.90 16.76 -8.00
CA VAL A 289 8.39 17.25 -6.73
C VAL A 289 7.36 16.91 -5.65
N LEU A 290 7.75 17.05 -4.38
CA LEU A 290 6.84 16.66 -3.31
C LEU A 290 5.51 17.39 -3.36
N ALA A 291 5.50 18.65 -3.80
CA ALA A 291 4.27 19.41 -3.87
C ALA A 291 3.25 18.81 -4.85
N ASP A 292 3.70 17.88 -5.69
CA ASP A 292 2.81 17.24 -6.65
C ASP A 292 2.10 16.02 -6.08
N VAL A 293 2.56 15.53 -4.92
CA VAL A 293 2.01 14.30 -4.38
C VAL A 293 0.70 14.60 -3.67
N ASP A 294 -0.24 13.67 -3.74
CA ASP A 294 -1.55 13.86 -3.13
C ASP A 294 -2.02 12.52 -2.53
N HIS A 295 -3.11 12.58 -1.78
CA HIS A 295 -3.72 11.41 -1.15
C HIS A 295 -2.66 10.62 -0.38
N LEU A 296 -2.02 11.35 0.52
CA LEU A 296 -0.97 10.78 1.35
C LEU A 296 -1.52 10.22 2.65
N LYS A 297 -0.98 9.07 3.03
CA LYS A 297 -1.17 8.52 4.37
C LYS A 297 0.17 8.54 5.07
N VAL A 298 0.16 9.03 6.31
CA VAL A 298 1.36 9.19 7.10
C VAL A 298 1.15 8.33 8.37
N TYR A 299 1.90 7.24 8.46
CA TYR A 299 1.76 6.31 9.57
C TYR A 299 2.77 6.67 10.63
N VAL A 300 2.32 6.80 11.89
CA VAL A 300 3.19 7.28 12.97
C VAL A 300 3.06 6.34 14.15
N ARG A 301 4.20 5.84 14.63
CA ARG A 301 4.20 4.82 15.67
C ARG A 301 3.68 5.31 17.03
N ARG A 302 4.16 6.46 17.47
CA ARG A 302 3.83 6.99 18.80
C ARG A 302 2.83 8.13 18.73
N ARG A 303 1.78 8.06 19.56
CA ARG A 303 0.80 9.14 19.63
C ARG A 303 1.47 10.48 19.88
N GLU A 304 2.48 10.49 20.75
CA GLU A 304 3.14 11.73 21.12
C GLU A 304 3.96 12.33 19.98
N ASP A 305 4.12 11.58 18.88
CA ASP A 305 4.83 12.08 17.68
C ASP A 305 3.91 12.58 16.58
N LEU A 306 2.60 12.37 16.67
CA LEU A 306 1.77 12.68 15.52
C LEU A 306 1.81 14.16 15.17
N ASP A 307 1.73 15.05 16.15
CA ASP A 307 1.75 16.47 15.81
C ASP A 307 3.14 16.89 15.30
N THR A 308 4.20 16.35 15.87
CA THR A 308 5.55 16.61 15.41
C THR A 308 5.64 16.28 13.91
N VAL A 309 5.17 15.08 13.56
CA VAL A 309 5.22 14.65 12.18
C VAL A 309 4.31 15.48 11.28
N ARG A 310 3.12 15.82 11.76
CA ARG A 310 2.20 16.64 10.99
C ARG A 310 2.89 17.94 10.57
N ARG A 311 3.63 18.55 11.50
CA ARG A 311 4.28 19.83 11.24
C ARG A 311 5.44 19.68 10.25
N VAL A 312 6.22 18.61 10.35
CA VAL A 312 7.29 18.36 9.40
C VAL A 312 6.71 18.20 8.01
N CYS A 313 5.65 17.42 7.90
CA CYS A 313 5.04 17.18 6.61
C CYS A 313 4.45 18.46 6.05
N ALA A 314 3.77 19.26 6.88
CA ALA A 314 3.13 20.48 6.42
C ALA A 314 4.16 21.50 5.88
N ALA A 315 5.40 21.41 6.31
CA ALA A 315 6.41 22.31 5.80
C ALA A 315 6.90 21.91 4.41
N ARG A 316 6.64 20.68 3.98
CA ARG A 316 7.13 20.22 2.68
C ARG A 316 6.06 19.84 1.69
N LEU A 317 4.91 19.33 2.16
CA LEU A 317 3.83 18.91 1.27
C LEU A 317 3.00 20.12 0.83
N SER A 318 2.24 19.97 -0.25
CA SER A 318 1.40 21.07 -0.68
C SER A 318 0.27 21.29 0.32
N SER A 319 -0.11 22.55 0.51
CA SER A 319 -1.21 22.85 1.43
C SER A 319 -2.54 22.30 0.92
N THR A 320 -2.65 22.02 -0.38
CA THR A 320 -3.89 21.50 -0.94
C THR A 320 -3.93 19.98 -0.97
N ALA A 321 -2.84 19.30 -0.59
CA ALA A 321 -2.80 17.85 -0.64
C ALA A 321 -3.68 17.28 0.45
N ALA A 322 -4.43 16.22 0.13
CA ALA A 322 -5.13 15.44 1.13
C ALA A 322 -4.10 14.59 1.87
N VAL A 323 -4.05 14.76 3.19
CA VAL A 323 -3.08 14.07 4.04
C VAL A 323 -3.82 13.51 5.24
N ALA A 324 -3.64 12.21 5.48
CA ALA A 324 -4.26 11.56 6.63
C ALA A 324 -3.17 10.94 7.49
N LEU A 325 -3.14 11.32 8.76
CA LEU A 325 -2.20 10.72 9.73
C LEU A 325 -2.91 9.58 10.45
N LEU A 326 -2.20 8.46 10.60
CA LEU A 326 -2.74 7.26 11.23
C LEU A 326 -1.74 6.78 12.27
N HIS A 327 -2.22 6.52 13.49
CA HIS A 327 -1.39 6.10 14.59
C HIS A 327 -1.29 4.58 14.57
N THR A 328 -0.17 4.03 14.12
CA THR A 328 -0.03 2.58 13.99
C THR A 328 1.46 2.23 13.82
N ASP A 329 1.78 0.97 14.05
CA ASP A 329 3.16 0.50 14.00
C ASP A 329 3.69 0.32 12.57
N ILE A 330 5.03 0.31 12.48
CA ILE A 330 5.73 0.19 11.22
C ILE A 330 6.42 -1.20 11.15
N ALA A 331 6.84 -1.62 9.95
CA ALA A 331 7.35 -2.97 9.74
C ALA A 331 8.56 -3.33 10.61
N ARG A 332 9.42 -2.35 10.93
CA ARG A 332 10.51 -2.56 11.91
C ARG A 332 10.19 -1.76 13.15
N GLU A 333 10.47 -2.33 14.32
CA GLU A 333 10.27 -1.64 15.58
C GLU A 333 10.96 -0.27 15.59
N ASP A 334 12.17 -0.18 15.01
CA ASP A 334 12.90 1.08 15.05
C ASP A 334 12.52 2.12 13.99
N LEU A 335 11.56 1.79 13.13
CA LEU A 335 10.98 2.78 12.23
C LEU A 335 9.81 3.42 12.94
N LEU A 336 9.77 4.75 12.86
CA LEU A 336 8.86 5.56 13.65
C LEU A 336 7.77 6.25 12.85
N VAL A 337 7.95 6.28 11.52
CA VAL A 337 7.07 7.03 10.63
C VAL A 337 7.25 6.52 9.22
N GLU A 338 6.17 6.49 8.43
CA GLU A 338 6.29 6.24 7.00
C GLU A 338 5.23 7.05 6.26
N ILE A 339 5.46 7.32 4.99
CA ILE A 339 4.56 8.10 4.18
C ILE A 339 4.37 7.40 2.83
N GLU A 340 3.11 7.28 2.39
CA GLU A 340 2.79 6.85 1.04
C GLU A 340 1.96 7.93 0.37
N GLY A 341 1.80 7.83 -0.95
CA GLY A 341 0.95 8.76 -1.67
C GLY A 341 1.02 8.47 -3.15
N VAL A 343 0.89 10.45 -7.41
CA VAL A 343 0.74 11.58 -8.30
C VAL A 343 -0.27 11.20 -9.38
N ALA A 344 -1.39 11.92 -9.40
CA ALA A 344 -2.46 11.64 -10.36
C ALA A 344 -2.13 12.18 -11.75
#